data_6M5Q
#
_entry.id   6M5Q
#
_cell.length_a   129.918
_cell.length_b   60.233
_cell.length_c   54.518
_cell.angle_alpha   90.000
_cell.angle_beta   110.710
_cell.angle_gamma   90.000
#
_symmetry.space_group_name_H-M   'C 1 2 1'
#
loop_
_entity.id
_entity.type
_entity.pdbx_description
1 polymer Beta-lactamase
2 non-polymer '(5R)-5-[(1S,2R)-1-formyl-2-hydroxypropyl]-3-[(2-{[(E)-iminomethyl]amino}ethyl)sulfanyl]-4,5-dihydro-1H-pyrrole-2-carbox ylic acid'
3 water water
#
_entity_poly.entity_id   1
_entity_poly.type   'polypeptide(L)'
_entity_poly.pdbx_seq_one_letter_code
;MHHHHHHANIDESKIKDTVDDLIQPLMQKNNIPGMSVAVTVNGKNYIYNYGLAAKQPQQPVTENTLFEVGSLSKTFAATL
ASYAQVSGKLSLDQSVSHYVPELRGSSFDHVSVLNVGTHTSGLQLFMPEDIKNTTQLMAYLKAWKPADAAGTHRVFSNIG
TGLLGMIAAKSLGVSYEDAIEKTLLPQLGMHHSYLKVPADQMENYAWGYNKKDEPVHVNMEILGNEAYGIKTTSSDLLRY
VQANMGQLKLDANAKMQQALTATHTGYFKSGEITQDLMWEQLPYPVSLPNLLTGNDMAMTKSVATPIVPPLPPQENVWIN
KTGSTNGFGAYIAFVPAKKMGIVMLANKNYSIDQRVTVAYKILSSLEGNK
;
_entity_poly.pdbx_strand_id   A
#
# COMPACT_ATOMS: atom_id res chain seq x y z
N HIS A 5 -5.63 -23.83 21.64
CA HIS A 5 -5.87 -23.74 23.07
C HIS A 5 -4.99 -22.65 23.68
N HIS A 6 -5.54 -21.93 24.65
CA HIS A 6 -4.83 -20.82 25.29
C HIS A 6 -3.76 -21.36 26.24
N HIS A 7 -2.56 -20.77 26.17
CA HIS A 7 -1.49 -21.12 27.09
C HIS A 7 -0.89 -19.85 27.66
N ALA A 8 -0.96 -19.72 28.98
CA ALA A 8 -0.27 -18.63 29.64
C ALA A 8 1.23 -18.74 29.37
N ASN A 9 1.88 -17.58 29.23
CA ASN A 9 3.32 -17.45 29.05
C ASN A 9 3.81 -17.86 27.67
N ILE A 10 2.91 -18.10 26.73
CA ILE A 10 3.26 -18.50 25.36
C ILE A 10 2.96 -17.33 24.43
N ASP A 11 3.93 -17.00 23.58
CA ASP A 11 3.83 -15.83 22.71
C ASP A 11 2.50 -15.72 21.99
N GLU A 12 2.09 -16.78 21.29
CA GLU A 12 0.93 -16.66 20.43
C GLU A 12 -0.33 -16.39 21.24
N SER A 13 -0.40 -16.92 22.47
CA SER A 13 -1.59 -16.69 23.29
C SER A 13 -1.62 -15.30 23.89
N LYS A 14 -0.47 -14.78 24.33
CA LYS A 14 -0.42 -13.44 24.87
C LYS A 14 -0.80 -12.42 23.80
N ILE A 15 -0.26 -12.56 22.60
CA ILE A 15 -0.61 -11.65 21.51
C ILE A 15 -2.07 -11.82 21.11
N LYS A 16 -2.56 -13.06 21.05
CA LYS A 16 -3.95 -13.28 20.69
C LYS A 16 -4.90 -12.60 21.67
N ASP A 17 -4.59 -12.64 22.96
CA ASP A 17 -5.48 -11.99 23.93
C ASP A 17 -5.58 -10.51 23.64
N THR A 18 -4.44 -9.86 23.37
CA THR A 18 -4.45 -8.42 23.07
C THR A 18 -5.23 -8.14 21.79
N VAL A 19 -4.97 -8.94 20.75
CA VAL A 19 -5.61 -8.69 19.46
C VAL A 19 -7.10 -8.96 19.55
N ASP A 20 -7.49 -10.09 20.16
CA ASP A 20 -8.92 -10.40 20.33
C ASP A 20 -9.63 -9.27 21.04
N ASP A 21 -9.02 -8.72 22.10
CA ASP A 21 -9.71 -7.74 22.92
C ASP A 21 -9.98 -6.45 22.16
N LEU A 22 -9.23 -6.16 21.11
CA LEU A 22 -9.43 -4.98 20.29
C LEU A 22 -10.22 -5.28 19.03
N ILE A 23 -9.98 -6.42 18.40
CA ILE A 23 -10.57 -6.69 17.09
C ILE A 23 -12.02 -7.12 17.22
N GLN A 24 -12.36 -7.92 18.22
CA GLN A 24 -13.76 -8.31 18.33
C GLN A 24 -14.70 -7.12 18.54
N PRO A 25 -14.42 -6.18 19.43
CA PRO A 25 -15.28 -4.99 19.51
C PRO A 25 -15.23 -4.16 18.24
N LEU A 26 -14.06 -4.04 17.61
CA LEU A 26 -13.96 -3.28 16.37
C LEU A 26 -14.89 -3.86 15.29
N MET A 27 -14.91 -5.19 15.15
CA MET A 27 -15.75 -5.80 14.14
C MET A 27 -17.23 -5.65 14.48
N GLN A 28 -17.60 -5.84 15.74
CA GLN A 28 -18.98 -5.63 16.12
C GLN A 28 -19.41 -4.20 15.82
N LYS A 29 -18.64 -3.20 16.28
CA LYS A 29 -19.14 -1.84 16.20
C LYS A 29 -19.26 -1.36 14.77
N ASN A 30 -18.47 -1.92 13.86
CA ASN A 30 -18.48 -1.50 12.48
C ASN A 30 -19.18 -2.49 11.56
N ASN A 31 -19.76 -3.54 12.12
CA ASN A 31 -20.42 -4.61 11.36
C ASN A 31 -19.50 -5.16 10.27
N ILE A 32 -18.26 -5.42 10.65
CA ILE A 32 -17.25 -5.97 9.74
C ILE A 32 -17.43 -7.48 9.74
N PRO A 33 -17.71 -8.11 8.59
CA PRO A 33 -17.94 -9.56 8.61
C PRO A 33 -16.71 -10.37 8.97
N GLY A 34 -15.54 -9.98 8.44
CA GLY A 34 -14.36 -10.81 8.56
C GLY A 34 -13.11 -9.96 8.56
N MET A 35 -12.12 -10.42 9.31
CA MET A 35 -10.82 -9.77 9.34
C MET A 35 -9.72 -10.80 9.49
N SER A 36 -8.53 -10.41 9.03
CA SER A 36 -7.32 -11.12 9.41
C SER A 36 -6.31 -10.10 9.91
N VAL A 37 -5.65 -10.41 11.00
CA VAL A 37 -4.64 -9.54 11.60
C VAL A 37 -3.35 -10.34 11.71
N ALA A 38 -2.27 -9.81 11.14
CA ALA A 38 -0.98 -10.47 11.18
C ALA A 38 -0.02 -9.54 11.89
N VAL A 39 0.79 -10.12 12.80
CA VAL A 39 1.75 -9.37 13.60
C VAL A 39 3.09 -10.06 13.50
N THR A 40 4.15 -9.27 13.34
CA THR A 40 5.51 -9.78 13.44
C THR A 40 6.26 -9.05 14.54
N VAL A 41 7.02 -9.80 15.34
CA VAL A 41 7.86 -9.23 16.41
C VAL A 41 8.92 -10.26 16.76
N ASN A 42 10.15 -9.79 17.00
CA ASN A 42 11.28 -10.67 17.37
C ASN A 42 11.50 -11.76 16.35
N GLY A 43 11.25 -11.47 15.07
CA GLY A 43 11.46 -12.47 14.04
C GLY A 43 10.41 -13.57 13.99
N LYS A 44 9.32 -13.44 14.72
CA LYS A 44 8.27 -14.46 14.74
C LYS A 44 6.96 -13.85 14.26
N ASN A 45 6.14 -14.69 13.64
CA ASN A 45 4.94 -14.24 12.96
C ASN A 45 3.71 -14.89 13.55
N TYR A 46 2.62 -14.12 13.61
CA TYR A 46 1.38 -14.52 14.26
C TYR A 46 0.21 -14.05 13.39
N ILE A 47 -0.69 -14.97 13.04
CA ILE A 47 -1.81 -14.69 12.14
C ILE A 47 -3.09 -15.04 12.85
N TYR A 48 -4.02 -14.10 12.93
CA TYR A 48 -5.29 -14.30 13.62
C TYR A 48 -6.43 -14.00 12.68
N ASN A 49 -7.36 -14.95 12.53
CA ASN A 49 -8.47 -14.82 11.60
C ASN A 49 -9.79 -14.76 12.35
N TYR A 50 -10.70 -13.92 11.86
CA TYR A 50 -11.95 -13.62 12.54
C TYR A 50 -13.10 -13.62 11.57
N GLY A 51 -14.20 -14.29 11.94
CA GLY A 51 -15.42 -14.06 11.20
C GLY A 51 -15.46 -14.67 9.82
N LEU A 52 -16.16 -13.98 8.91
CA LEU A 52 -16.60 -14.55 7.64
C LEU A 52 -16.01 -13.78 6.46
N ALA A 53 -15.46 -14.54 5.50
CA ALA A 53 -15.10 -13.99 4.20
C ALA A 53 -16.32 -13.74 3.33
N ALA A 54 -17.38 -14.51 3.54
CA ALA A 54 -18.62 -14.35 2.79
C ALA A 54 -19.77 -14.80 3.68
N LYS A 55 -20.93 -14.17 3.48
CA LYS A 55 -22.08 -14.40 4.36
C LYS A 55 -23.05 -15.48 3.87
N GLN A 56 -23.22 -15.66 2.56
CA GLN A 56 -24.30 -16.52 2.05
C GLN A 56 -23.91 -17.14 0.69
N PRO A 57 -23.46 -18.41 0.69
CA PRO A 57 -23.26 -19.25 1.87
C PRO A 57 -22.04 -18.82 2.69
N GLN A 58 -22.10 -19.08 3.99
CA GLN A 58 -21.05 -18.63 4.89
C GLN A 58 -19.73 -19.31 4.55
N GLN A 59 -18.66 -18.51 4.55
CA GLN A 59 -17.31 -19.02 4.44
C GLN A 59 -16.46 -18.29 5.47
N PRO A 60 -15.71 -19.00 6.30
CA PRO A 60 -14.88 -18.35 7.31
C PRO A 60 -13.64 -17.72 6.66
N VAL A 61 -13.09 -16.73 7.35
CA VAL A 61 -11.73 -16.29 7.05
C VAL A 61 -10.77 -17.39 7.46
N THR A 62 -9.84 -17.74 6.55
CA THR A 62 -8.80 -18.72 6.82
C THR A 62 -7.44 -18.10 6.48
N GLU A 63 -6.40 -18.89 6.69
CA GLU A 63 -5.04 -18.46 6.31
C GLU A 63 -4.95 -18.13 4.82
N ASN A 64 -5.86 -18.65 3.99
CA ASN A 64 -5.77 -18.41 2.56
C ASN A 64 -6.69 -17.31 2.05
N THR A 65 -7.46 -16.66 2.93
CA THR A 65 -8.43 -15.67 2.46
C THR A 65 -7.73 -14.47 1.83
N LEU A 66 -8.20 -14.11 0.65
CA LEU A 66 -7.71 -12.95 -0.08
C LEU A 66 -8.64 -11.77 0.19
N PHE A 67 -8.03 -10.62 0.47
CA PHE A 67 -8.75 -9.37 0.64
C PHE A 67 -8.24 -8.37 -0.38
N GLU A 68 -9.13 -7.48 -0.84
CA GLU A 68 -8.66 -6.31 -1.57
C GLU A 68 -7.99 -5.36 -0.59
N VAL A 69 -6.89 -4.75 -1.01
CA VAL A 69 -6.17 -3.81 -0.15
C VAL A 69 -6.15 -2.40 -0.68
N GLY A 70 -6.82 -2.13 -1.79
CA GLY A 70 -6.99 -0.76 -2.22
C GLY A 70 -5.66 -0.06 -2.39
N SER A 71 -5.56 1.14 -1.82
CA SER A 71 -4.36 1.96 -2.00
C SER A 71 -3.10 1.40 -1.37
N LEU A 72 -3.16 0.30 -0.61
CA LEU A 72 -1.88 -0.36 -0.30
C LEU A 72 -1.19 -0.79 -1.58
N SER A 73 -1.97 -0.98 -2.66
CA SER A 73 -1.41 -1.37 -3.95
C SER A 73 -0.39 -0.35 -4.44
N LYS A 74 -0.51 0.90 -4.01
CA LYS A 74 0.40 1.94 -4.47
C LYS A 74 1.83 1.69 -3.99
N THR A 75 1.98 1.05 -2.82
CA THR A 75 3.34 0.76 -2.33
C THR A 75 4.06 -0.25 -3.22
N PHE A 76 3.31 -1.12 -3.93
CA PHE A 76 3.93 -2.04 -4.88
C PHE A 76 4.40 -1.30 -6.11
N ALA A 77 3.63 -0.31 -6.58
CA ALA A 77 4.10 0.51 -7.68
C ALA A 77 5.36 1.27 -7.29
N ALA A 78 5.41 1.79 -6.06
CA ALA A 78 6.61 2.46 -5.57
C ALA A 78 7.78 1.50 -5.48
N THR A 79 7.55 0.30 -4.95
CA THR A 79 8.63 -0.67 -4.85
C THR A 79 9.16 -1.02 -6.24
N LEU A 80 8.27 -1.15 -7.22
CA LEU A 80 8.71 -1.39 -8.59
C LEU A 80 9.53 -0.22 -9.14
N ALA A 81 9.08 1.01 -8.92
CA ALA A 81 9.86 2.16 -9.38
C ALA A 81 11.23 2.19 -8.71
N SER A 82 11.27 1.90 -7.41
CA SER A 82 12.52 1.85 -6.69
C SER A 82 13.43 0.77 -7.25
N TYR A 83 12.86 -0.40 -7.56
CA TYR A 83 13.65 -1.47 -8.16
C TYR A 83 14.23 -1.03 -9.50
N ALA A 84 13.43 -0.35 -10.31
CA ALA A 84 13.95 0.16 -11.56
C ALA A 84 15.06 1.19 -11.32
N GLN A 85 14.91 2.01 -10.30
CA GLN A 85 15.92 3.03 -10.01
C GLN A 85 17.23 2.39 -9.58
N VAL A 86 17.17 1.49 -8.59
CA VAL A 86 18.41 0.88 -8.12
C VAL A 86 19.05 0.00 -9.18
N SER A 87 18.28 -0.47 -10.15
CA SER A 87 18.77 -1.24 -11.29
C SER A 87 19.33 -0.37 -12.40
N GLY A 88 19.31 0.95 -12.24
CA GLY A 88 19.86 1.85 -13.25
C GLY A 88 18.99 2.08 -14.46
N LYS A 89 17.69 1.75 -14.38
CA LYS A 89 16.80 1.90 -15.51
C LYS A 89 15.93 3.15 -15.45
N LEU A 90 15.87 3.82 -14.30
CA LEU A 90 14.94 4.91 -14.02
C LEU A 90 15.66 5.90 -13.14
N SER A 91 15.53 7.20 -13.44
CA SER A 91 15.91 8.25 -12.51
C SER A 91 14.66 8.95 -11.99
N LEU A 92 14.51 9.03 -10.68
CA LEU A 92 13.31 9.66 -10.14
C LEU A 92 13.28 11.15 -10.41
N ASP A 93 14.43 11.79 -10.56
CA ASP A 93 14.43 13.23 -10.80
C ASP A 93 14.08 13.60 -12.22
N GLN A 94 14.10 12.65 -13.16
CA GLN A 94 13.78 12.97 -14.54
C GLN A 94 12.28 13.24 -14.71
N SER A 95 11.94 13.88 -15.83
CA SER A 95 10.56 14.23 -16.11
C SER A 95 9.74 13.04 -16.58
N VAL A 96 8.44 13.12 -16.34
CA VAL A 96 7.53 12.11 -16.88
C VAL A 96 7.63 12.06 -18.40
N SER A 97 7.70 13.23 -19.05
CA SER A 97 7.74 13.21 -20.51
C SER A 97 9.07 12.69 -21.05
N HIS A 98 10.14 12.73 -20.25
CA HIS A 98 11.37 12.03 -20.63
C HIS A 98 11.09 10.56 -20.92
N TYR A 99 10.28 9.91 -20.07
CA TYR A 99 9.99 8.50 -20.21
C TYR A 99 8.74 8.20 -21.03
N VAL A 100 7.87 9.18 -21.20
CA VAL A 100 6.63 9.01 -21.96
C VAL A 100 6.65 10.02 -23.10
N PRO A 101 7.25 9.67 -24.24
CA PRO A 101 7.52 10.69 -25.27
C PRO A 101 6.27 11.35 -25.84
N GLU A 102 5.13 10.67 -25.84
CA GLU A 102 3.89 11.27 -26.31
C GLU A 102 3.48 12.49 -25.48
N LEU A 103 3.97 12.61 -24.25
CA LEU A 103 3.66 13.76 -23.41
C LEU A 103 4.71 14.88 -23.52
N ARG A 104 5.68 14.76 -24.42
CA ARG A 104 6.67 15.84 -24.53
C ARG A 104 6.01 17.10 -25.07
N GLY A 105 6.33 18.24 -24.46
CA GLY A 105 5.69 19.49 -24.77
C GLY A 105 4.46 19.80 -23.94
N SER A 106 4.05 18.87 -23.06
CA SER A 106 2.88 19.05 -22.21
C SER A 106 3.31 19.49 -20.82
N SER A 107 2.37 19.55 -19.88
CA SER A 107 2.73 19.86 -18.49
C SER A 107 3.70 18.84 -17.91
N PHE A 108 3.76 17.62 -18.48
CA PHE A 108 4.62 16.58 -17.96
C PHE A 108 6.08 16.80 -18.28
N ASP A 109 6.39 17.84 -19.05
CA ASP A 109 7.76 18.32 -19.12
C ASP A 109 8.24 18.85 -17.78
N HIS A 110 7.31 19.23 -16.89
CA HIS A 110 7.66 19.88 -15.64
C HIS A 110 7.25 19.07 -14.43
N VAL A 111 6.86 17.81 -14.61
CA VAL A 111 6.51 16.89 -13.52
C VAL A 111 7.56 15.81 -13.52
N SER A 112 8.18 15.57 -12.36
CA SER A 112 9.17 14.51 -12.26
C SER A 112 8.50 13.18 -11.95
N VAL A 113 9.25 12.09 -12.20
CA VAL A 113 8.81 10.79 -11.71
C VAL A 113 8.66 10.81 -10.19
N LEU A 114 9.57 11.49 -9.48
CA LEU A 114 9.43 11.62 -8.04
C LEU A 114 8.09 12.25 -7.68
N ASN A 115 7.64 13.27 -8.44
CA ASN A 115 6.37 13.92 -8.11
C ASN A 115 5.23 12.90 -8.16
N VAL A 116 5.17 12.06 -9.20
CA VAL A 116 4.08 11.09 -9.24
C VAL A 116 4.28 9.99 -8.21
N GLY A 117 5.52 9.78 -7.74
CA GLY A 117 5.80 8.83 -6.67
C GLY A 117 5.55 9.33 -5.26
N THR A 118 5.25 10.63 -5.12
CA THR A 118 5.07 11.27 -3.81
C THR A 118 3.78 12.07 -3.72
N HIS A 119 2.90 11.93 -4.70
CA HIS A 119 1.62 12.65 -4.69
C HIS A 119 1.81 14.15 -4.81
N THR A 120 2.86 14.61 -5.48
CA THR A 120 3.11 16.03 -5.61
C THR A 120 3.04 16.52 -7.05
N SER A 121 2.53 15.71 -7.99
CA SER A 121 2.35 16.26 -9.33
C SER A 121 1.18 17.25 -9.40
N GLY A 122 0.19 17.11 -8.54
CA GLY A 122 -1.06 17.88 -8.64
C GLY A 122 -2.17 17.17 -9.38
N LEU A 123 -1.90 16.01 -9.99
CA LEU A 123 -2.98 15.25 -10.58
C LEU A 123 -4.02 14.90 -9.52
N GLN A 124 -5.29 14.87 -9.92
CA GLN A 124 -6.42 14.64 -9.04
C GLN A 124 -6.45 13.19 -8.57
N LEU A 125 -7.33 12.91 -7.60
CA LEU A 125 -7.39 11.59 -7.00
C LEU A 125 -7.86 10.54 -7.99
N PHE A 126 -8.99 10.78 -8.65
CA PHE A 126 -9.66 9.74 -9.41
C PHE A 126 -9.50 9.91 -10.90
N MET A 127 -9.21 8.80 -11.57
CA MET A 127 -9.25 8.77 -13.02
C MET A 127 -10.64 9.12 -13.50
N PRO A 128 -10.79 10.02 -14.47
CA PRO A 128 -12.12 10.30 -15.02
C PRO A 128 -12.77 9.03 -15.58
N GLU A 129 -14.07 8.86 -15.30
CA GLU A 129 -14.77 7.61 -15.59
C GLU A 129 -14.86 7.30 -17.07
N ASP A 130 -14.81 8.30 -17.95
CA ASP A 130 -14.95 8.08 -19.38
C ASP A 130 -13.64 7.74 -20.07
N ILE A 131 -12.53 7.65 -19.35
CA ILE A 131 -11.27 7.26 -19.97
C ILE A 131 -11.20 5.74 -19.96
N LYS A 132 -11.29 5.15 -21.16
CA LYS A 132 -11.40 3.70 -21.32
C LYS A 132 -10.18 3.05 -21.97
N ASN A 133 -9.35 3.79 -22.68
CA ASN A 133 -8.23 3.21 -23.39
C ASN A 133 -7.04 4.16 -23.35
N THR A 134 -5.90 3.65 -23.80
CA THR A 134 -4.64 4.38 -23.72
C THR A 134 -4.68 5.65 -24.57
N THR A 135 -5.36 5.59 -25.72
CA THR A 135 -5.46 6.78 -26.57
C THR A 135 -6.18 7.91 -25.84
N GLN A 136 -7.31 7.60 -25.23
CA GLN A 136 -8.03 8.59 -24.45
C GLN A 136 -7.21 9.07 -23.25
N LEU A 137 -6.47 8.16 -22.61
CA LEU A 137 -5.67 8.56 -21.47
C LEU A 137 -4.59 9.54 -21.88
N MET A 138 -3.92 9.27 -23.00
CA MET A 138 -2.84 10.15 -23.44
C MET A 138 -3.37 11.50 -23.90
N ALA A 139 -4.53 11.52 -24.56
CA ALA A 139 -5.13 12.79 -24.94
C ALA A 139 -5.46 13.63 -23.71
N TYR A 140 -5.98 12.99 -22.67
CA TYR A 140 -6.26 13.68 -21.41
C TYR A 140 -4.98 14.26 -20.82
N LEU A 141 -3.95 13.43 -20.69
CA LEU A 141 -2.72 13.86 -20.03
C LEU A 141 -2.02 14.96 -20.81
N LYS A 142 -2.09 14.92 -22.15
CA LYS A 142 -1.43 15.94 -22.96
C LYS A 142 -2.10 17.31 -22.81
N ALA A 143 -3.35 17.33 -22.36
CA ALA A 143 -4.14 18.56 -22.30
C ALA A 143 -4.34 19.04 -20.88
N TRP A 144 -3.70 18.38 -19.91
CA TRP A 144 -3.92 18.64 -18.49
C TRP A 144 -2.99 19.72 -17.97
N LYS A 145 -3.52 20.57 -17.08
CA LYS A 145 -2.71 21.58 -16.37
C LYS A 145 -3.22 21.67 -14.94
N PRO A 146 -2.33 21.63 -13.96
CA PRO A 146 -2.74 21.86 -12.57
C PRO A 146 -2.85 23.34 -12.25
N ALA A 147 -3.60 23.63 -11.19
CA ALA A 147 -3.73 25.01 -10.74
C ALA A 147 -2.46 25.53 -10.08
N ASP A 148 -1.71 24.66 -9.41
CA ASP A 148 -0.45 25.02 -8.79
C ASP A 148 0.68 24.20 -9.43
N ALA A 149 1.90 24.72 -9.38
CA ALA A 149 3.01 24.03 -10.02
C ALA A 149 3.30 22.68 -9.34
N ALA A 150 3.71 21.70 -10.14
CA ALA A 150 4.16 20.43 -9.58
C ALA A 150 5.26 20.65 -8.55
N GLY A 151 5.17 19.93 -7.43
CA GLY A 151 6.12 20.05 -6.35
C GLY A 151 5.72 21.00 -5.26
N THR A 152 4.55 21.65 -5.36
CA THR A 152 4.15 22.62 -4.36
C THR A 152 3.15 22.08 -3.35
N HIS A 153 2.33 21.10 -3.76
CA HIS A 153 1.25 20.59 -2.92
C HIS A 153 1.20 19.08 -3.00
N ARG A 154 0.70 18.47 -1.93
CA ARG A 154 0.45 17.04 -1.90
C ARG A 154 -1.03 16.81 -2.17
N VAL A 155 -1.32 16.02 -3.20
CA VAL A 155 -2.69 15.62 -3.52
C VAL A 155 -2.62 14.13 -3.81
N PHE A 156 -3.27 13.32 -2.99
CA PHE A 156 -3.24 11.88 -3.24
C PHE A 156 -3.87 11.62 -4.60
N SER A 157 -3.22 10.78 -5.40
CA SER A 157 -3.63 10.63 -6.79
C SER A 157 -3.54 9.19 -7.25
N ASN A 158 -4.66 8.62 -7.73
CA ASN A 158 -4.58 7.34 -8.41
C ASN A 158 -3.94 7.49 -9.79
N ILE A 159 -4.19 8.61 -10.47
CA ILE A 159 -3.59 8.83 -11.79
C ILE A 159 -2.08 8.90 -11.69
N GLY A 160 -1.57 9.69 -10.73
CA GLY A 160 -0.13 9.78 -10.54
C GLY A 160 0.50 8.42 -10.24
N THR A 161 -0.13 7.63 -9.38
CA THR A 161 0.43 6.31 -9.08
C THR A 161 0.41 5.44 -10.33
N GLY A 162 -0.64 5.58 -11.14
CA GLY A 162 -0.69 4.89 -12.43
C GLY A 162 0.50 5.19 -13.29
N LEU A 163 0.85 6.49 -13.41
CA LEU A 163 2.01 6.86 -14.21
C LEU A 163 3.29 6.32 -13.61
N LEU A 164 3.43 6.38 -12.29
CA LEU A 164 4.61 5.82 -11.63
C LEU A 164 4.82 4.37 -12.00
N GLY A 165 3.78 3.56 -11.88
CA GLY A 165 3.93 2.14 -12.18
C GLY A 165 4.12 1.87 -13.65
N MET A 166 3.41 2.60 -14.51
CA MET A 166 3.58 2.44 -15.95
C MET A 166 5.01 2.74 -16.37
N ILE A 167 5.55 3.87 -15.88
CA ILE A 167 6.91 4.26 -16.23
C ILE A 167 7.92 3.26 -15.70
N ALA A 168 7.75 2.81 -14.45
CA ALA A 168 8.68 1.83 -13.90
C ALA A 168 8.67 0.56 -14.72
N ALA A 169 7.49 0.04 -15.04
CA ALA A 169 7.41 -1.20 -15.80
C ALA A 169 8.03 -1.04 -17.18
N LYS A 170 7.71 0.05 -17.88
CA LYS A 170 8.26 0.25 -19.20
C LYS A 170 9.79 0.33 -19.16
N SER A 171 10.35 0.95 -18.12
CA SER A 171 11.80 1.06 -17.99
C SER A 171 12.44 -0.31 -17.81
N LEU A 172 11.67 -1.30 -17.37
CA LEU A 172 12.11 -2.68 -17.28
C LEU A 172 11.69 -3.52 -18.48
N GLY A 173 11.06 -2.89 -19.48
CA GLY A 173 10.71 -3.55 -20.73
C GLY A 173 9.47 -4.41 -20.69
N VAL A 174 8.57 -4.21 -19.72
CA VAL A 174 7.40 -5.07 -19.56
C VAL A 174 6.19 -4.22 -19.21
N SER A 175 5.02 -4.85 -19.30
CA SER A 175 3.79 -4.24 -18.81
C SER A 175 3.79 -4.23 -17.27
N TYR A 176 2.95 -3.37 -16.69
CA TYR A 176 2.87 -3.30 -15.23
C TYR A 176 2.42 -4.64 -14.65
N GLU A 177 1.45 -5.28 -15.29
CA GLU A 177 0.90 -6.52 -14.75
C GLU A 177 1.97 -7.61 -14.72
N ASP A 178 2.77 -7.67 -15.78
CA ASP A 178 3.91 -8.57 -15.88
C ASP A 178 4.96 -8.21 -14.81
N ALA A 179 5.29 -6.93 -14.69
CA ALA A 179 6.30 -6.54 -13.71
C ALA A 179 5.90 -6.99 -12.30
N ILE A 180 4.61 -6.83 -11.97
CA ILE A 180 4.15 -7.14 -10.61
C ILE A 180 4.02 -8.64 -10.40
N GLU A 181 3.31 -9.32 -11.31
CA GLU A 181 3.01 -10.74 -11.09
C GLU A 181 4.12 -11.67 -11.52
N LYS A 182 5.00 -11.25 -12.42
CA LYS A 182 6.09 -12.11 -12.84
C LYS A 182 7.43 -11.73 -12.24
N THR A 183 7.62 -10.46 -11.83
CA THR A 183 8.91 -10.07 -11.25
C THR A 183 8.81 -9.75 -9.77
N LEU A 184 8.01 -8.75 -9.40
CA LEU A 184 8.09 -8.22 -8.04
C LEU A 184 7.54 -9.19 -7.00
N LEU A 185 6.27 -9.58 -7.13
CA LEU A 185 5.70 -10.46 -6.11
C LEU A 185 6.43 -11.80 -6.01
N PRO A 186 6.83 -12.45 -7.12
CA PRO A 186 7.64 -13.66 -6.97
C PRO A 186 8.97 -13.46 -6.27
N GLN A 187 9.68 -12.37 -6.56
CA GLN A 187 10.97 -12.14 -5.89
C GLN A 187 10.77 -11.86 -4.40
N LEU A 188 9.60 -11.35 -4.02
CA LEU A 188 9.27 -11.15 -2.62
C LEU A 188 8.72 -12.39 -1.96
N GLY A 189 8.52 -13.48 -2.70
CA GLY A 189 7.96 -14.67 -2.10
C GLY A 189 6.49 -14.58 -1.80
N MET A 190 5.78 -13.67 -2.45
CA MET A 190 4.37 -13.44 -2.15
C MET A 190 3.54 -14.18 -3.19
N HIS A 191 3.36 -15.47 -2.93
CA HIS A 191 2.77 -16.39 -3.90
C HIS A 191 1.26 -16.41 -3.87
N HIS A 192 0.63 -15.75 -2.88
CA HIS A 192 -0.82 -15.64 -2.76
C HIS A 192 -1.23 -14.18 -2.86
N SER A 193 -0.58 -13.44 -3.76
CA SER A 193 -0.83 -12.03 -4.00
C SER A 193 -1.02 -11.87 -5.50
N TYR A 194 -2.04 -11.12 -5.89
CA TYR A 194 -2.46 -11.09 -7.28
C TYR A 194 -2.99 -9.73 -7.66
N LEU A 195 -2.79 -9.36 -8.92
CA LEU A 195 -3.62 -8.36 -9.55
C LEU A 195 -4.89 -8.95 -10.13
N LYS A 196 -4.84 -10.17 -10.65
CA LYS A 196 -6.03 -10.89 -11.09
C LYS A 196 -6.04 -12.25 -10.39
N VAL A 197 -7.10 -12.51 -9.64
CA VAL A 197 -7.15 -13.74 -8.84
C VAL A 197 -7.41 -14.93 -9.75
N PRO A 198 -6.61 -15.98 -9.68
CA PRO A 198 -6.79 -17.14 -10.56
C PRO A 198 -7.94 -18.01 -10.07
N ALA A 199 -8.38 -18.92 -10.97
CA ALA A 199 -9.60 -19.70 -10.74
C ALA A 199 -9.52 -20.56 -9.49
N ASP A 200 -8.33 -21.11 -9.19
CA ASP A 200 -8.17 -21.98 -8.02
C ASP A 200 -8.18 -21.20 -6.71
N GLN A 201 -8.15 -19.87 -6.78
CA GLN A 201 -8.17 -19.04 -5.58
C GLN A 201 -9.45 -18.26 -5.42
N MET A 202 -10.38 -18.35 -6.38
CA MET A 202 -11.61 -17.59 -6.26
C MET A 202 -12.41 -18.00 -5.03
N GLU A 203 -12.34 -19.29 -4.64
CA GLU A 203 -13.04 -19.74 -3.45
C GLU A 203 -12.50 -19.06 -2.20
N ASN A 204 -11.29 -18.51 -2.26
CA ASN A 204 -10.65 -17.84 -1.14
C ASN A 204 -10.78 -16.32 -1.20
N TYR A 205 -11.38 -15.77 -2.23
CA TYR A 205 -11.48 -14.32 -2.43
C TYR A 205 -12.70 -13.84 -1.66
N ALA A 206 -12.46 -13.20 -0.52
CA ALA A 206 -13.56 -12.70 0.29
C ALA A 206 -14.42 -11.76 -0.52
N TRP A 207 -15.72 -11.74 -0.20
CA TRP A 207 -16.57 -10.66 -0.67
C TRP A 207 -16.36 -9.42 0.20
N GLY A 208 -16.33 -8.24 -0.45
CA GLY A 208 -16.39 -7.01 0.28
C GLY A 208 -17.82 -6.63 0.56
N TYR A 209 -18.05 -5.84 1.60
CA TYR A 209 -19.39 -5.39 1.93
C TYR A 209 -19.39 -3.87 1.99
N ASN A 210 -20.19 -3.24 1.13
CA ASN A 210 -20.16 -1.80 0.97
C ASN A 210 -20.93 -1.11 2.09
N LYS A 211 -21.15 0.20 1.95
CA LYS A 211 -21.80 0.94 3.03
C LYS A 211 -23.23 0.47 3.24
N LYS A 212 -23.88 -0.04 2.20
CA LYS A 212 -25.20 -0.63 2.29
C LYS A 212 -25.17 -2.11 2.60
N ASP A 213 -23.99 -2.66 2.94
CA ASP A 213 -23.82 -4.08 3.26
C ASP A 213 -24.14 -4.99 2.08
N GLU A 214 -23.92 -4.51 0.85
CA GLU A 214 -24.04 -5.31 -0.36
C GLU A 214 -22.70 -5.97 -0.68
N PRO A 215 -22.70 -7.24 -1.12
CA PRO A 215 -21.41 -7.87 -1.49
C PRO A 215 -20.87 -7.33 -2.80
N VAL A 216 -19.59 -6.93 -2.79
CA VAL A 216 -18.99 -6.27 -3.93
C VAL A 216 -17.53 -6.69 -4.07
N HIS A 217 -17.05 -6.67 -5.32
CA HIS A 217 -15.63 -6.77 -5.64
C HIS A 217 -15.26 -5.56 -6.48
N VAL A 218 -13.99 -5.15 -6.39
CA VAL A 218 -13.57 -3.93 -7.08
C VAL A 218 -13.57 -4.18 -8.58
N ASN A 219 -14.01 -3.18 -9.34
CA ASN A 219 -13.98 -3.23 -10.79
C ASN A 219 -12.69 -2.58 -11.27
N MET A 220 -11.92 -3.32 -12.05
CA MET A 220 -10.60 -2.86 -12.48
C MET A 220 -10.74 -2.06 -13.78
N GLU A 221 -10.31 -0.80 -13.73
CA GLU A 221 -10.37 0.13 -14.84
C GLU A 221 -8.95 0.56 -15.20
N ILE A 222 -8.83 1.49 -16.16
CA ILE A 222 -7.52 1.83 -16.71
C ILE A 222 -6.60 2.36 -15.63
N LEU A 223 -5.35 1.87 -15.63
CA LEU A 223 -4.33 2.18 -14.62
C LEU A 223 -4.77 1.80 -13.20
N GLY A 224 -5.79 0.95 -13.07
CA GLY A 224 -6.27 0.57 -11.75
C GLY A 224 -5.33 -0.38 -11.05
N ASN A 225 -4.58 -1.18 -11.80
CA ASN A 225 -3.71 -2.14 -11.13
C ASN A 225 -2.71 -1.44 -10.23
N GLU A 226 -2.16 -0.31 -10.69
CA GLU A 226 -1.17 0.43 -9.95
C GLU A 226 -1.74 1.01 -8.67
N ALA A 227 -2.99 1.49 -8.72
CA ALA A 227 -3.56 2.25 -7.61
C ALA A 227 -4.36 1.39 -6.66
N TYR A 228 -4.99 0.30 -7.14
CA TYR A 228 -5.89 -0.45 -6.28
C TYR A 228 -6.04 -1.91 -6.70
N GLY A 229 -5.10 -2.48 -7.43
CA GLY A 229 -5.32 -3.81 -7.97
C GLY A 229 -5.00 -5.00 -7.11
N ILE A 230 -4.31 -4.86 -5.98
CA ILE A 230 -3.78 -6.02 -5.28
C ILE A 230 -4.87 -6.70 -4.44
N LYS A 231 -4.95 -8.03 -4.56
CA LYS A 231 -5.68 -8.89 -3.65
C LYS A 231 -4.67 -9.84 -3.03
N THR A 232 -4.69 -10.00 -1.70
CA THR A 232 -3.60 -10.72 -1.04
C THR A 232 -4.07 -11.24 0.31
N THR A 233 -3.23 -12.08 0.91
CA THR A 233 -3.49 -12.61 2.25
C THR A 233 -2.71 -11.78 3.27
N SER A 234 -3.17 -11.85 4.52
CA SER A 234 -2.41 -11.19 5.58
C SER A 234 -1.01 -11.78 5.73
N SER A 235 -0.86 -13.08 5.49
CA SER A 235 0.46 -13.70 5.59
C SER A 235 1.41 -13.16 4.54
N ASP A 236 0.94 -13.00 3.31
CA ASP A 236 1.83 -12.45 2.29
C ASP A 236 2.21 -11.01 2.62
N LEU A 237 1.23 -10.22 3.11
CA LEU A 237 1.57 -8.85 3.49
C LEU A 237 2.51 -8.80 4.69
N LEU A 238 2.41 -9.76 5.61
CA LEU A 238 3.39 -9.78 6.68
C LEU A 238 4.78 -10.10 6.16
N ARG A 239 4.90 -11.01 5.17
CA ARG A 239 6.19 -11.22 4.51
C ARG A 239 6.71 -9.91 3.91
N TYR A 240 5.82 -9.15 3.27
CA TYR A 240 6.21 -7.87 2.68
C TYR A 240 6.72 -6.90 3.75
N VAL A 241 6.06 -6.89 4.92
CA VAL A 241 6.52 -6.06 6.03
C VAL A 241 7.90 -6.51 6.51
N GLN A 242 8.08 -7.82 6.70
CA GLN A 242 9.40 -8.32 7.10
C GLN A 242 10.47 -7.97 6.08
N ALA A 243 10.15 -8.10 4.79
CA ALA A 243 11.13 -7.76 3.75
C ALA A 243 11.48 -6.29 3.83
N ASN A 244 10.49 -5.44 4.09
CA ASN A 244 10.73 -4.01 4.26
C ASN A 244 11.60 -3.71 5.48
N MET A 245 11.71 -4.63 6.42
CA MET A 245 12.61 -4.47 7.56
C MET A 245 13.89 -5.30 7.42
N GLY A 246 14.20 -5.82 6.24
CA GLY A 246 15.45 -6.51 6.01
C GLY A 246 15.59 -7.82 6.72
N GLN A 247 14.48 -8.47 7.07
CA GLN A 247 14.56 -9.63 7.95
C GLN A 247 14.69 -10.94 7.21
N LEU A 248 14.50 -10.95 5.89
CA LEU A 248 14.40 -12.18 5.12
C LEU A 248 15.57 -12.29 4.16
N LYS A 249 15.97 -13.55 3.90
CA LYS A 249 17.05 -13.80 2.94
C LYS A 249 16.68 -13.28 1.56
N LEU A 250 15.42 -13.42 1.16
CA LEU A 250 14.91 -12.84 -0.07
C LEU A 250 15.55 -13.45 -1.30
N ASP A 251 15.99 -14.71 -1.18
CA ASP A 251 16.66 -15.42 -2.27
C ASP A 251 17.91 -14.68 -2.74
N ALA A 252 18.61 -14.06 -1.79
CA ALA A 252 19.86 -13.34 -2.05
C ALA A 252 19.70 -12.20 -3.06
N ASN A 253 18.48 -11.72 -3.29
CA ASN A 253 18.23 -10.62 -4.21
C ASN A 253 18.65 -9.31 -3.54
N ALA A 254 19.90 -8.89 -3.79
CA ALA A 254 20.40 -7.66 -3.20
C ALA A 254 19.66 -6.44 -3.74
N LYS A 255 19.45 -6.38 -5.06
CA LYS A 255 18.77 -5.23 -5.65
C LYS A 255 17.36 -5.08 -5.09
N MET A 256 16.67 -6.20 -4.87
CA MET A 256 15.31 -6.10 -4.34
C MET A 256 15.31 -5.57 -2.91
N GLN A 257 16.24 -6.01 -2.07
CA GLN A 257 16.30 -5.45 -0.73
C GLN A 257 16.56 -3.95 -0.77
N GLN A 258 17.51 -3.53 -1.61
CA GLN A 258 17.80 -2.10 -1.73
C GLN A 258 16.58 -1.34 -2.21
N ALA A 259 15.83 -1.93 -3.13
CA ALA A 259 14.62 -1.29 -3.66
C ALA A 259 13.60 -1.09 -2.55
N LEU A 260 13.32 -2.13 -1.75
CA LEU A 260 12.36 -2.02 -0.66
C LEU A 260 12.78 -0.93 0.31
N THR A 261 14.03 -1.00 0.76
CA THR A 261 14.51 -0.03 1.75
C THR A 261 14.41 1.40 1.21
N ALA A 262 14.75 1.58 -0.06
CA ALA A 262 14.79 2.93 -0.62
C ALA A 262 13.41 3.56 -0.74
N THR A 263 12.33 2.77 -0.75
CA THR A 263 11.01 3.38 -0.76
C THR A 263 10.74 4.14 0.52
N HIS A 264 11.51 3.91 1.59
CA HIS A 264 11.32 4.62 2.84
C HIS A 264 12.05 5.95 2.87
N THR A 265 12.71 6.35 1.79
CA THR A 265 13.38 7.64 1.76
C THR A 265 12.35 8.74 1.89
N GLY A 266 12.66 9.75 2.71
CA GLY A 266 11.70 10.80 2.97
C GLY A 266 11.90 11.98 2.05
N TYR A 267 10.90 12.30 1.24
CA TYR A 267 11.05 13.29 0.18
C TYR A 267 10.32 14.60 0.42
N PHE A 268 9.19 14.61 1.10
CA PHE A 268 8.42 15.82 1.35
C PHE A 268 7.83 15.75 2.74
N LYS A 269 7.62 16.91 3.34
CA LYS A 269 6.89 17.03 4.58
C LYS A 269 5.57 17.73 4.30
N SER A 270 4.49 17.22 4.86
CA SER A 270 3.19 17.87 4.84
C SER A 270 2.61 17.77 6.25
N GLY A 271 2.40 18.92 6.89
CA GLY A 271 2.00 18.86 8.28
C GLY A 271 3.05 18.12 9.10
N GLU A 272 2.61 17.17 9.91
CA GLU A 272 3.54 16.35 10.68
C GLU A 272 4.01 15.11 9.92
N ILE A 273 3.48 14.86 8.71
CA ILE A 273 3.71 13.61 8.00
C ILE A 273 4.89 13.78 7.05
N THR A 274 5.76 12.77 7.01
CA THR A 274 6.80 12.66 5.98
C THR A 274 6.29 11.75 4.88
N GLN A 275 6.31 12.25 3.65
CA GLN A 275 5.93 11.48 2.47
C GLN A 275 7.18 10.80 1.90
N ASP A 276 7.15 9.47 1.89
CA ASP A 276 8.20 8.68 1.28
C ASP A 276 7.76 8.33 -0.15
N LEU A 277 8.31 7.26 -0.73
CA LEU A 277 7.82 6.81 -2.03
C LEU A 277 6.56 5.97 -1.76
N MET A 278 5.41 6.63 -1.85
CA MET A 278 4.07 6.13 -1.49
C MET A 278 3.86 5.86 0.00
N TRP A 279 4.78 5.18 0.66
CA TRP A 279 4.67 5.06 2.12
C TRP A 279 4.66 6.45 2.77
N GLU A 280 4.05 6.53 3.95
CA GLU A 280 4.05 7.72 4.79
C GLU A 280 4.66 7.36 6.13
N GLN A 281 5.34 8.31 6.79
CA GLN A 281 5.97 7.99 8.06
C GLN A 281 5.90 9.18 9.02
N LEU A 282 6.03 8.85 10.31
CA LEU A 282 6.13 9.79 11.42
C LEU A 282 7.31 9.39 12.29
N PRO A 283 7.91 10.32 13.02
CA PRO A 283 8.92 9.92 14.01
C PRO A 283 8.32 9.00 15.07
N TYR A 284 9.13 8.02 15.51
CA TYR A 284 8.75 7.09 16.55
C TYR A 284 9.61 7.37 17.78
N PRO A 285 9.04 7.36 19.00
CA PRO A 285 7.65 7.04 19.36
C PRO A 285 6.63 8.03 18.82
N VAL A 286 5.45 7.52 18.49
CA VAL A 286 4.34 8.32 18.00
C VAL A 286 3.33 8.44 19.13
N SER A 287 2.74 9.61 19.27
CA SER A 287 1.56 9.70 20.11
C SER A 287 0.34 9.47 19.23
N LEU A 288 -0.68 8.86 19.80
CA LEU A 288 -1.92 8.64 19.06
C LEU A 288 -2.49 9.93 18.46
N PRO A 289 -2.56 11.05 19.18
CA PRO A 289 -3.06 12.30 18.56
C PRO A 289 -2.39 12.68 17.24
N ASN A 290 -1.06 12.69 17.19
CA ASN A 290 -0.39 13.06 15.95
C ASN A 290 -0.63 12.03 14.85
N LEU A 291 -0.77 10.75 15.23
CA LEU A 291 -1.18 9.74 14.25
C LEU A 291 -2.55 10.06 13.67
N LEU A 292 -3.49 10.47 14.53
CA LEU A 292 -4.85 10.73 14.06
C LEU A 292 -4.93 12.04 13.28
N THR A 293 -4.26 13.09 13.75
CA THR A 293 -4.23 14.33 12.98
C THR A 293 -3.56 14.16 11.63
N GLY A 294 -2.74 13.12 11.46
CA GLY A 294 -2.13 12.87 10.17
C GLY A 294 -3.08 12.33 9.13
N ASN A 295 -4.24 11.82 9.53
CA ASN A 295 -5.20 11.25 8.59
C ASN A 295 -6.44 12.16 8.42
N LYS A 301 -5.83 19.58 -1.04
CA LYS A 301 -4.40 19.88 -1.19
C LYS A 301 -3.78 20.39 0.11
N SER A 302 -2.55 19.96 0.38
CA SER A 302 -1.75 20.50 1.46
C SER A 302 -0.44 20.99 0.87
N VAL A 303 0.19 21.96 1.52
CA VAL A 303 1.51 22.39 1.07
C VAL A 303 2.50 21.26 1.31
N ALA A 304 3.38 21.03 0.35
CA ALA A 304 4.43 20.01 0.44
C ALA A 304 5.78 20.71 0.43
N THR A 305 6.57 20.49 1.48
CA THR A 305 7.90 21.08 1.56
C THR A 305 8.94 20.02 1.23
N PRO A 306 9.81 20.23 0.26
CA PRO A 306 10.81 19.20 -0.05
C PRO A 306 11.79 19.02 1.08
N ILE A 307 12.26 17.79 1.21
CA ILE A 307 13.33 17.40 2.13
C ILE A 307 14.53 17.14 1.25
N VAL A 308 15.49 18.07 1.26
CA VAL A 308 16.59 17.97 0.32
C VAL A 308 17.87 18.32 1.06
N PRO A 309 18.88 17.43 1.11
CA PRO A 309 18.84 16.06 0.56
C PRO A 309 17.74 15.22 1.23
N PRO A 310 17.25 14.21 0.52
CA PRO A 310 16.16 13.40 1.10
C PRO A 310 16.60 12.74 2.41
N LEU A 311 15.63 12.56 3.28
CA LEU A 311 15.89 11.87 4.55
C LEU A 311 16.18 10.39 4.24
N PRO A 312 17.35 9.87 4.56
CA PRO A 312 17.60 8.46 4.28
C PRO A 312 16.60 7.57 5.01
N PRO A 313 16.36 6.37 4.49
CA PRO A 313 15.55 5.38 5.24
C PRO A 313 15.99 5.30 6.70
N GLN A 314 15.02 5.39 7.61
CA GLN A 314 15.29 5.43 9.04
C GLN A 314 14.79 4.17 9.75
N GLU A 315 15.38 3.93 10.93
CA GLU A 315 14.85 2.92 11.85
C GLU A 315 13.82 3.51 12.79
N ASN A 316 14.07 4.71 13.30
CA ASN A 316 13.28 5.27 14.40
C ASN A 316 12.05 6.00 13.88
N VAL A 317 11.21 5.28 13.13
CA VAL A 317 10.03 5.86 12.51
C VAL A 317 8.92 4.83 12.51
N TRP A 318 7.70 5.36 12.45
CA TRP A 318 6.47 4.60 12.23
C TRP A 318 6.13 4.76 10.75
N ILE A 319 6.24 3.67 9.98
CA ILE A 319 5.95 3.70 8.53
C ILE A 319 4.61 3.04 8.31
N ASN A 320 3.74 3.65 7.51
CA ASN A 320 2.39 3.09 7.41
C ASN A 320 1.74 3.44 6.08
N LYS A 321 0.66 2.72 5.81
CA LYS A 321 -0.16 3.00 4.63
C LYS A 321 -1.55 2.42 4.88
N THR A 322 -2.57 3.22 4.58
CA THR A 322 -3.96 2.76 4.57
C THR A 322 -4.37 2.46 3.13
N GLY A 323 -5.36 1.61 2.99
CA GLY A 323 -5.96 1.40 1.67
C GLY A 323 -7.38 0.94 1.82
N SER A 324 -8.20 1.33 0.86
CA SER A 324 -9.61 0.95 0.89
C SER A 324 -10.13 0.75 -0.51
N THR A 325 -11.18 -0.07 -0.62
CA THR A 325 -12.04 -0.09 -1.80
C THR A 325 -13.47 0.06 -1.27
N ASN A 326 -14.45 0.00 -2.17
CA ASN A 326 -15.83 0.15 -1.71
C ASN A 326 -16.21 -0.90 -0.68
N GLY A 327 -15.62 -2.09 -0.76
CA GLY A 327 -15.97 -3.14 0.18
C GLY A 327 -14.92 -3.58 1.17
N PHE A 328 -13.76 -2.91 1.24
CA PHE A 328 -12.65 -3.42 2.04
C PHE A 328 -11.90 -2.26 2.68
N GLY A 329 -11.27 -2.56 3.81
CA GLY A 329 -10.44 -1.59 4.52
C GLY A 329 -9.20 -2.27 5.06
N ALA A 330 -8.03 -1.77 4.67
CA ALA A 330 -6.74 -2.41 4.99
C ALA A 330 -5.81 -1.38 5.62
N TYR A 331 -4.82 -1.90 6.38
CA TYR A 331 -3.84 -1.02 7.01
C TYR A 331 -2.57 -1.81 7.29
N ILE A 332 -1.43 -1.18 7.05
CA ILE A 332 -0.13 -1.71 7.45
C ILE A 332 0.59 -0.63 8.23
N ALA A 333 1.23 -1.00 9.34
CA ALA A 333 2.17 -0.13 10.03
C ALA A 333 3.34 -0.99 10.52
N PHE A 334 4.56 -0.43 10.46
CA PHE A 334 5.72 -1.11 10.99
C PHE A 334 6.75 -0.10 11.47
N VAL A 335 7.57 -0.55 12.42
CA VAL A 335 8.60 0.26 13.07
C VAL A 335 9.91 -0.47 12.91
N PRO A 336 10.75 -0.08 11.97
CA PRO A 336 11.97 -0.88 11.73
C PRO A 336 12.86 -1.00 12.96
N ALA A 337 12.97 0.07 13.76
CA ALA A 337 13.82 0.02 14.95
C ALA A 337 13.39 -1.06 15.91
N LYS A 338 12.12 -1.40 15.91
CA LYS A 338 11.59 -2.41 16.82
C LYS A 338 11.34 -3.75 16.12
N LYS A 339 11.70 -3.88 14.83
CA LYS A 339 11.43 -5.08 14.04
C LYS A 339 10.02 -5.60 14.30
N MET A 340 9.04 -4.69 14.34
CA MET A 340 7.66 -5.07 14.60
C MET A 340 6.75 -4.45 13.55
N GLY A 341 5.67 -5.16 13.25
CA GLY A 341 4.73 -4.64 12.27
C GLY A 341 3.41 -5.36 12.37
N ILE A 342 2.41 -4.75 11.74
CA ILE A 342 1.04 -5.26 11.77
C ILE A 342 0.39 -5.05 10.42
N VAL A 343 -0.42 -6.03 10.04
CA VAL A 343 -1.29 -5.96 8.88
C VAL A 343 -2.70 -6.21 9.39
N MET A 344 -3.64 -5.31 9.08
CA MET A 344 -5.04 -5.51 9.42
C MET A 344 -5.87 -5.46 8.15
N LEU A 345 -6.52 -6.57 7.80
CA LEU A 345 -7.37 -6.65 6.62
C LEU A 345 -8.81 -6.90 7.03
N ALA A 346 -9.72 -6.16 6.41
CA ALA A 346 -11.15 -6.30 6.69
C ALA A 346 -11.95 -6.25 5.39
N ASN A 347 -13.04 -7.01 5.34
CA ASN A 347 -13.96 -6.93 4.21
C ASN A 347 -15.12 -5.98 4.46
N LYS A 348 -14.80 -4.84 5.08
CA LYS A 348 -15.67 -3.68 5.11
C LYS A 348 -14.77 -2.46 5.28
N ASN A 349 -15.11 -1.37 4.61
CA ASN A 349 -14.35 -0.13 4.67
C ASN A 349 -14.79 0.64 5.91
N TYR A 350 -13.99 0.58 6.97
CA TYR A 350 -14.30 1.29 8.21
C TYR A 350 -13.25 2.37 8.45
N SER A 351 -13.57 3.29 9.36
CA SER A 351 -12.85 4.55 9.37
C SER A 351 -11.38 4.40 9.74
N ILE A 352 -10.55 5.22 9.11
CA ILE A 352 -9.10 5.13 9.27
C ILE A 352 -8.68 5.41 10.72
N ASP A 353 -9.39 6.31 11.42
CA ASP A 353 -9.05 6.58 12.81
C ASP A 353 -9.07 5.30 13.64
N GLN A 354 -9.99 4.40 13.35
CA GLN A 354 -10.08 3.18 14.12
C GLN A 354 -8.96 2.21 13.74
N ARG A 355 -8.60 2.16 12.44
CA ARG A 355 -7.49 1.31 12.01
C ARG A 355 -6.21 1.70 12.73
N VAL A 356 -5.90 3.00 12.74
CA VAL A 356 -4.64 3.44 13.33
C VAL A 356 -4.67 3.29 14.84
N THR A 357 -5.82 3.53 15.48
CA THR A 357 -5.91 3.40 16.93
C THR A 357 -5.67 1.96 17.36
N VAL A 358 -6.34 1.02 16.70
CA VAL A 358 -6.16 -0.39 17.04
C VAL A 358 -4.73 -0.85 16.79
N ALA A 359 -4.14 -0.48 15.64
CA ALA A 359 -2.76 -0.85 15.35
C ALA A 359 -1.82 -0.28 16.40
N TYR A 360 -2.03 0.98 16.78
CA TYR A 360 -1.19 1.59 17.81
C TYR A 360 -1.28 0.84 19.11
N LYS A 361 -2.50 0.49 19.53
CA LYS A 361 -2.67 -0.24 20.79
C LYS A 361 -2.01 -1.62 20.73
N ILE A 362 -2.12 -2.31 19.59
CA ILE A 362 -1.51 -3.64 19.47
C ILE A 362 0.02 -3.53 19.49
N LEU A 363 0.60 -2.67 18.65
CA LEU A 363 2.05 -2.59 18.61
C LEU A 363 2.62 -2.09 19.94
N SER A 364 1.90 -1.19 20.61
CA SER A 364 2.35 -0.69 21.90
C SER A 364 2.41 -1.81 22.93
N SER A 365 1.54 -2.79 22.81
CA SER A 365 1.49 -3.88 23.78
C SER A 365 2.68 -4.81 23.66
N LEU A 366 3.42 -4.77 22.57
CA LEU A 366 4.44 -5.78 22.32
C LEU A 366 5.74 -5.54 23.04
#